data_4EPI
#
_entry.id   4EPI
#
_cell.length_a   66.397
_cell.length_b   122.882
_cell.length_c   52.299
_cell.angle_alpha   90.00
_cell.angle_beta   90.00
_cell.angle_gamma   90.00
#
_symmetry.space_group_name_H-M   'P 21 21 2'
#
loop_
_entity.id
_entity.type
_entity.pdbx_description
1 polymer 'Pesticin, Lysozyme Chimera'
2 non-polymer 'SULFATE ION'
3 non-polymer 'SODIUM ION'
4 water water
#
_entity_poly.entity_id   1
_entity_poly.type   'polypeptide(L)'
_entity_poly.pdbx_seq_one_letter_code
;SMSDTMVVNGSGGVPAFLFSGSTLSSYRPNFEANSITIALPHYVDLPGRSNFKLMYIMGFPIDTEMEKDSEYSNKIRQES
KISKTEGTVSYEQKITVETGQEKDGVKVYRVMVLEGTIAESIEHLDKKENEDILNNNRNRIVLADNTVINFDNISQLKEF
LRRSVNIVCFEMLRCDEGLRLKIYKDTEGYYTIGIGHLLTKSPSLNAAKSELDKAIGRNTNGVITKDEAEKLFNQDVDAA
VRGILRNAKLKPVYDSLDAVRRCALINMVFQMGETGVAGFTNSLRMLQQKRWDEAAVNLAKSRWYNQTPNRAKRVITTFR
TGTWDAYKNC
;
_entity_poly.pdbx_strand_id   A
#
loop_
_chem_comp.id
_chem_comp.type
_chem_comp.name
_chem_comp.formula
NA non-polymer 'SODIUM ION' 'Na 1'
SO4 non-polymer 'SULFATE ION' 'O4 S -2'
#
# COMPACT_ATOMS: atom_id res chain seq x y z
N SER A 1 33.87 -2.27 38.91
CA SER A 1 33.94 -0.78 39.11
C SER A 1 32.58 -0.18 39.55
N MET A 2 32.57 1.06 40.05
CA MET A 2 31.31 1.62 40.61
C MET A 2 30.23 1.81 39.57
N SER A 3 30.64 1.98 38.32
CA SER A 3 29.71 2.24 37.22
C SER A 3 29.12 0.97 36.63
N ASP A 4 29.55 -0.19 37.15
CA ASP A 4 29.03 -1.48 36.64
C ASP A 4 27.52 -1.49 36.70
N THR A 5 26.88 -2.05 35.68
CA THR A 5 25.42 -2.19 35.68
C THR A 5 25.00 -3.42 36.50
N MET A 6 24.26 -3.18 37.58
CA MET A 6 23.76 -4.30 38.42
C MET A 6 22.28 -4.59 38.22
N VAL A 7 21.54 -3.62 37.69
CA VAL A 7 20.09 -3.83 37.44
C VAL A 7 19.80 -3.69 35.95
N VAL A 8 19.09 -4.68 35.39
CA VAL A 8 18.69 -4.67 34.00
C VAL A 8 17.19 -4.79 33.95
N ASN A 9 16.57 -3.90 33.18
CA ASN A 9 15.17 -4.08 32.82
C ASN A 9 14.96 -3.99 31.30
N GLY A 10 13.73 -3.79 30.85
CA GLY A 10 13.45 -3.80 29.42
C GLY A 10 13.77 -2.52 28.65
N SER A 11 14.34 -1.53 29.34
CA SER A 11 14.56 -0.23 28.70
C SER A 11 15.67 -0.34 27.65
N GLY A 12 15.62 0.52 26.64
CA GLY A 12 16.62 0.51 25.57
C GLY A 12 16.61 -0.76 24.74
N GLY A 13 17.79 -1.17 24.28
CA GLY A 13 17.86 -2.10 23.15
C GLY A 13 17.70 -1.28 21.86
N VAL A 14 18.32 -1.67 20.75
CA VAL A 14 19.10 -2.91 20.55
C VAL A 14 18.29 -4.18 20.12
N PRO A 15 17.46 -4.09 19.03
CA PRO A 15 16.68 -2.99 18.45
C PRO A 15 15.59 -2.63 19.46
N ALA A 16 15.01 -1.45 19.35
CA ALA A 16 14.09 -0.95 20.35
C ALA A 16 12.72 -1.65 20.24
N PHE A 17 12.09 -1.93 21.38
CA PHE A 17 10.73 -2.48 21.40
C PHE A 17 10.59 -3.78 20.60
N LEU A 18 11.64 -4.59 20.56
CA LEU A 18 11.73 -5.77 19.65
C LEU A 18 10.61 -6.79 19.76
N PHE A 19 10.14 -7.04 20.99
CA PHE A 19 9.03 -7.95 21.21
C PHE A 19 7.71 -7.25 21.54
N SER A 20 7.58 -6.01 21.09
CA SER A 20 6.33 -5.27 21.29
C SER A 20 5.40 -5.43 20.09
N GLY A 21 4.18 -4.94 20.23
CA GLY A 21 3.28 -4.93 19.09
C GLY A 21 2.85 -6.34 18.71
N SER A 22 2.54 -6.52 17.43
CA SER A 22 1.99 -7.76 16.96
C SER A 22 2.53 -8.14 15.58
N THR A 23 2.49 -9.44 15.31
CA THR A 23 2.90 -9.99 14.03
C THR A 23 1.71 -10.65 13.35
N LEU A 24 1.53 -10.36 12.06
CA LEU A 24 0.50 -11.02 11.25
C LEU A 24 1.15 -12.15 10.42
N SER A 25 0.65 -13.37 10.52
CA SER A 25 1.27 -14.51 9.84
C SER A 25 0.28 -15.65 9.65
N SER A 26 0.00 -16.00 8.39
CA SER A 26 -0.85 -17.18 8.09
C SER A 26 -0.15 -18.46 8.52
N TYR A 27 1.16 -18.51 8.29
CA TYR A 27 1.99 -19.60 8.78
C TYR A 27 2.16 -19.53 10.30
N ARG A 28 2.01 -20.68 10.95
CA ARG A 28 2.26 -20.79 12.37
C ARG A 28 3.00 -22.11 12.61
N PRO A 29 4.25 -22.03 13.09
CA PRO A 29 5.04 -23.24 13.33
C PRO A 29 4.44 -24.12 14.41
N ASN A 30 4.74 -25.41 14.32
CA ASN A 30 4.34 -26.38 15.33
C ASN A 30 5.59 -26.99 15.92
N PHE A 31 5.98 -26.53 17.11
CA PHE A 31 7.17 -27.08 17.78
C PHE A 31 6.72 -28.16 18.78
N GLU A 32 7.17 -28.05 20.03
CA GLU A 32 6.63 -28.81 21.19
C GLU A 32 7.58 -28.66 22.37
N ASN A 34 6.22 -28.92 24.70
CA ASN A 34 5.88 -28.35 26.01
C ASN A 34 5.56 -26.85 25.89
N SER A 35 4.40 -26.48 26.41
CA SER A 35 3.88 -25.11 26.30
C SER A 35 4.76 -24.08 27.01
N ILE A 36 5.35 -24.47 28.13
CA ILE A 36 6.09 -23.53 28.94
C ILE A 36 7.45 -23.15 28.33
N THR A 37 7.78 -23.74 27.18
CA THR A 37 9.07 -23.44 26.50
C THR A 37 8.94 -22.54 25.29
N ILE A 38 7.76 -21.93 25.11
CA ILE A 38 7.57 -20.99 23.99
C ILE A 38 8.54 -19.81 24.06
N ALA A 39 8.91 -19.36 25.26
CA ALA A 39 9.92 -18.28 25.34
C ALA A 39 11.36 -18.69 25.00
N LEU A 40 11.61 -20.00 24.93
CA LEU A 40 12.90 -20.48 24.50
C LEU A 40 12.97 -20.41 22.98
N PRO A 41 14.17 -20.15 22.42
CA PRO A 41 14.31 -20.03 20.99
C PRO A 41 14.01 -21.35 20.29
N HIS A 42 13.24 -21.28 19.21
CA HIS A 42 13.02 -22.41 18.31
C HIS A 42 13.29 -21.94 16.89
N TYR A 43 14.03 -22.74 16.14
CA TYR A 43 14.43 -22.37 14.80
C TYR A 43 13.68 -23.19 13.78
N VAL A 44 13.25 -22.52 12.70
CA VAL A 44 12.54 -23.21 11.62
CA VAL A 44 12.51 -23.17 11.62
C VAL A 44 12.92 -22.57 10.29
N ASP A 45 12.95 -23.41 9.26
CA ASP A 45 13.09 -22.92 7.89
C ASP A 45 11.69 -22.69 7.36
N LEU A 46 11.41 -21.49 6.89
CA LEU A 46 10.08 -21.16 6.36
C LEU A 46 9.74 -22.09 5.18
N PRO A 47 8.60 -22.82 5.24
CA PRO A 47 8.26 -23.74 4.16
C PRO A 47 8.23 -23.06 2.79
N GLY A 48 8.86 -23.70 1.82
CA GLY A 48 8.82 -23.26 0.43
C GLY A 48 9.85 -22.21 0.08
N ARG A 49 10.75 -21.88 1.02
CA ARG A 49 11.72 -20.81 0.82
C ARG A 49 13.13 -21.29 1.09
N SER A 50 14.10 -20.77 0.33
CA SER A 50 15.53 -20.97 0.59
CA SER A 50 15.51 -20.99 0.65
C SER A 50 16.06 -19.78 1.39
N ASN A 51 17.17 -19.98 2.13
CA ASN A 51 17.78 -18.91 2.95
C ASN A 51 16.73 -18.11 3.71
N PHE A 52 15.85 -18.82 4.43
CA PHE A 52 14.79 -18.15 5.19
C PHE A 52 14.55 -18.88 6.49
N LYS A 53 15.57 -18.90 7.32
CA LYS A 53 15.48 -19.41 8.66
C LYS A 53 14.92 -18.34 9.61
N LEU A 54 14.04 -18.74 10.51
CA LEU A 54 13.43 -17.84 11.47
C LEU A 54 13.69 -18.38 12.86
N MET A 55 13.90 -17.47 13.80
CA MET A 55 14.04 -17.84 15.19
C MET A 55 12.77 -17.33 15.85
N TYR A 56 12.03 -18.24 16.47
CA TYR A 56 10.82 -17.87 17.21
C TYR A 56 11.08 -17.77 18.71
N ILE A 57 10.63 -16.66 19.27
CA ILE A 57 10.66 -16.39 20.71
C ILE A 57 9.30 -15.81 21.07
N MET A 58 8.62 -16.43 22.05
CA MET A 58 7.30 -15.97 22.50
C MET A 58 6.31 -15.82 21.36
N GLY A 59 6.48 -16.67 20.35
CA GLY A 59 5.55 -16.69 19.24
C GLY A 59 5.88 -15.67 18.16
N PHE A 60 6.89 -14.82 18.39
CA PHE A 60 7.31 -13.79 17.42
C PHE A 60 8.46 -14.31 16.54
N PRO A 61 8.45 -14.02 15.23
CA PRO A 61 9.59 -14.46 14.43
C PRO A 61 10.67 -13.37 14.30
N ILE A 62 11.92 -13.80 14.46
CA ILE A 62 13.12 -12.97 14.27
C ILE A 62 13.92 -13.47 13.08
N ASP A 63 14.20 -12.56 12.14
CA ASP A 63 14.93 -12.85 10.94
C ASP A 63 16.34 -12.26 11.14
N THR A 64 17.34 -13.12 11.33
CA THR A 64 18.73 -12.70 11.50
CA THR A 64 18.72 -12.64 11.46
C THR A 64 19.54 -13.04 10.26
N GLU A 65 20.45 -12.15 9.86
CA GLU A 65 21.39 -12.40 8.78
C GLU A 65 22.77 -12.13 9.34
N MET A 66 23.75 -12.94 8.95
CA MET A 66 25.15 -12.69 9.35
C MET A 66 26.08 -13.02 8.20
N GLU A 67 27.16 -12.26 8.06
CA GLU A 67 28.19 -12.60 7.09
C GLU A 67 28.87 -13.89 7.52
N LYS A 68 29.19 -13.99 8.81
CA LYS A 68 29.78 -15.24 9.34
C LYS A 68 28.82 -16.40 9.06
N ASP A 69 29.36 -17.52 8.60
CA ASP A 69 28.53 -18.68 8.32
C ASP A 69 27.99 -19.23 9.64
N SER A 70 26.71 -19.60 9.63
CA SER A 70 26.06 -20.03 10.86
C SER A 70 24.91 -20.95 10.56
N GLU A 71 24.70 -21.95 11.42
CA GLU A 71 23.55 -22.81 11.25
C GLU A 71 22.28 -22.12 11.77
N TYR A 72 22.44 -20.97 12.41
CA TYR A 72 21.32 -20.31 13.11
C TYR A 72 20.94 -18.95 12.56
N SER A 73 21.60 -18.51 11.49
CA SER A 73 21.25 -17.24 10.87
CA SER A 73 21.28 -17.23 10.87
C SER A 73 21.29 -17.39 9.36
N ASN A 74 20.61 -16.48 8.67
CA ASN A 74 20.62 -16.50 7.23
C ASN A 74 21.88 -15.89 6.62
N LYS A 75 22.15 -16.20 5.35
CA LYS A 75 23.20 -15.51 4.61
C LYS A 75 22.69 -14.11 4.35
N ILE A 76 23.61 -13.15 4.19
CA ILE A 76 23.21 -11.78 3.86
C ILE A 76 22.38 -11.75 2.57
N ARG A 77 21.18 -11.18 2.62
CA ARG A 77 20.32 -11.13 1.43
C ARG A 77 20.70 -9.99 0.51
N GLN A 78 20.49 -10.20 -0.80
CA GLN A 78 20.73 -9.16 -1.80
C GLN A 78 19.68 -8.07 -1.73
N GLU A 79 20.13 -6.84 -1.96
CA GLU A 79 19.22 -5.72 -2.10
C GLU A 79 18.53 -5.74 -3.46
N SER A 80 17.22 -5.55 -3.44
CA SER A 80 16.39 -5.38 -4.65
C SER A 80 16.79 -4.13 -5.40
N LYS A 81 16.59 -4.14 -6.72
CA LYS A 81 16.74 -2.94 -7.54
C LYS A 81 15.51 -2.05 -7.52
N ILE A 82 14.39 -2.51 -6.98
CA ILE A 82 13.14 -1.73 -6.97
C ILE A 82 13.33 -0.46 -6.16
N SER A 83 12.91 0.68 -6.73
CA SER A 83 13.05 1.97 -6.08
C SER A 83 12.24 2.11 -4.78
N LYS A 84 12.91 2.44 -3.66
CA LYS A 84 12.17 2.63 -2.41
C LYS A 84 11.29 3.91 -2.46
N THR A 85 11.64 4.86 -3.34
CA THR A 85 10.88 6.13 -3.45
C THR A 85 9.71 6.07 -4.42
N GLU A 86 9.84 5.30 -5.51
CA GLU A 86 8.85 5.38 -6.59
C GLU A 86 8.42 4.03 -7.12
N GLY A 87 9.01 2.97 -6.59
CA GLY A 87 8.71 1.60 -7.08
C GLY A 87 7.44 0.99 -6.54
N THR A 88 7.15 -0.22 -7.02
CA THR A 88 6.06 -1.01 -6.50
C THR A 88 6.42 -2.49 -6.49
N VAL A 89 5.61 -3.26 -5.78
CA VAL A 89 5.65 -4.70 -5.85
CA VAL A 89 5.64 -4.70 -5.85
C VAL A 89 4.33 -5.11 -6.52
N SER A 90 4.39 -6.06 -7.44
CA SER A 90 3.20 -6.54 -8.11
C SER A 90 2.11 -6.90 -7.09
N TYR A 91 0.88 -6.45 -7.34
CA TYR A 91 -0.12 -6.35 -6.26
C TYR A 91 -0.63 -7.69 -5.74
N GLU A 92 -0.35 -8.76 -6.46
CA GLU A 92 -0.76 -10.08 -6.05
C GLU A 92 0.34 -10.86 -5.29
N GLN A 93 1.58 -10.34 -5.25
CA GLN A 93 2.66 -11.06 -4.58
C GLN A 93 2.49 -10.90 -3.08
N LYS A 94 2.84 -11.95 -2.34
CA LYS A 94 2.96 -11.88 -0.88
C LYS A 94 4.28 -11.25 -0.52
N ILE A 95 4.33 -10.55 0.62
CA ILE A 95 5.54 -9.86 1.08
C ILE A 95 5.79 -10.12 2.56
N THR A 96 7.04 -9.94 2.97
CA THR A 96 7.39 -10.03 4.38
C THR A 96 7.86 -8.66 4.82
N VAL A 97 7.24 -8.12 5.87
CA VAL A 97 7.61 -6.78 6.36
C VAL A 97 8.36 -6.96 7.67
N GLU A 98 9.52 -6.32 7.78
CA GLU A 98 10.36 -6.47 8.97
C GLU A 98 10.85 -5.15 9.49
N THR A 99 11.21 -5.12 10.76
CA THR A 99 11.70 -3.89 11.35
C THR A 99 12.83 -4.28 12.31
N GLY A 100 13.92 -3.52 12.26
CA GLY A 100 15.08 -3.90 13.08
C GLY A 100 16.29 -3.02 12.85
N GLN A 101 17.46 -3.63 12.97
CA GLN A 101 18.73 -2.90 12.86
C GLN A 101 19.79 -3.76 12.20
N GLU A 102 20.82 -3.11 11.69
CA GLU A 102 21.90 -3.84 11.07
C GLU A 102 23.19 -3.05 11.17
N LYS A 103 24.27 -3.78 11.37
CA LYS A 103 25.59 -3.15 11.32
C LYS A 103 26.69 -4.18 11.35
N ASP A 104 27.77 -3.87 10.65
CA ASP A 104 28.99 -4.68 10.67
C ASP A 104 28.69 -6.15 10.30
N GLY A 105 27.89 -6.34 9.26
CA GLY A 105 27.56 -7.67 8.73
C GLY A 105 26.66 -8.53 9.59
N VAL A 106 25.92 -7.90 10.51
CA VAL A 106 24.92 -8.61 11.29
C VAL A 106 23.63 -7.84 11.18
N LYS A 107 22.50 -8.56 10.97
CA LYS A 107 21.21 -7.91 10.83
C LYS A 107 20.23 -8.66 11.71
N VAL A 108 19.46 -7.91 12.50
CA VAL A 108 18.47 -8.51 13.38
C VAL A 108 17.15 -7.80 13.20
N TYR A 109 16.19 -8.53 12.66
CA TYR A 109 14.91 -7.94 12.25
C TYR A 109 13.75 -8.69 12.87
N ARG A 110 12.83 -7.96 13.47
CA ARG A 110 11.54 -8.52 13.90
C ARG A 110 10.63 -8.64 12.68
N VAL A 111 10.03 -9.81 12.48
CA VAL A 111 9.04 -9.97 11.41
C VAL A 111 7.70 -9.43 11.90
N MET A 112 7.16 -8.46 11.16
CA MET A 112 5.87 -7.82 11.47
C MET A 112 4.73 -8.43 10.65
N VAL A 113 5.03 -8.75 9.38
CA VAL A 113 4.05 -9.46 8.52
C VAL A 113 4.84 -10.56 7.81
N LEU A 114 4.42 -11.81 7.93
CA LEU A 114 5.12 -12.92 7.30
C LEU A 114 4.36 -13.45 6.08
N GLU A 115 4.91 -13.21 4.89
CA GLU A 115 4.27 -13.62 3.61
C GLU A 115 2.79 -13.24 3.57
N GLY A 116 2.51 -11.97 3.83
CA GLY A 116 1.12 -11.47 3.83
C GLY A 116 0.85 -10.73 2.54
N THR A 117 -0.40 -10.37 2.31
CA THR A 117 -0.72 -9.57 1.10
C THR A 117 -0.38 -8.13 1.38
N ILE A 118 -0.29 -7.36 0.32
CA ILE A 118 -0.03 -5.95 0.48
C ILE A 118 -1.14 -5.28 1.30
N ALA A 119 -2.41 -5.61 1.01
CA ALA A 119 -3.50 -4.98 1.76
C ALA A 119 -3.48 -5.33 3.23
N GLU A 120 -3.19 -6.61 3.54
CA GLU A 120 -3.06 -7.02 4.94
C GLU A 120 -1.95 -6.22 5.61
N SER A 121 -0.86 -6.01 4.87
CA SER A 121 0.30 -5.32 5.41
C SER A 121 -0.01 -3.87 5.76
N ILE A 122 -0.72 -3.20 4.86
CA ILE A 122 -1.17 -1.85 5.10
C ILE A 122 -1.98 -1.71 6.40
N GLU A 123 -2.98 -2.56 6.60
CA GLU A 123 -3.80 -2.51 7.81
C GLU A 123 -2.97 -2.81 9.06
N HIS A 124 -2.15 -3.85 8.96
CA HIS A 124 -1.34 -4.28 10.08
C HIS A 124 -0.37 -3.20 10.57
N LEU A 125 0.29 -2.53 9.63
CA LEU A 125 1.29 -1.51 9.99
C LEU A 125 0.66 -0.23 10.50
N ASP A 126 -0.66 -0.07 10.30
CA ASP A 126 -1.39 1.06 10.90
C ASP A 126 -1.89 0.85 12.32
N LYS A 127 -1.74 -0.37 12.86
CA LYS A 127 -2.20 -0.62 14.22
C LYS A 127 -1.42 0.20 15.24
N LYS A 128 -2.14 0.79 16.20
CA LYS A 128 -1.50 1.66 17.21
C LYS A 128 -0.42 0.92 18.01
N GLU A 129 -0.65 -0.37 18.30
CA GLU A 129 0.32 -1.13 19.10
C GLU A 129 1.67 -1.31 18.37
N ASN A 130 1.69 -1.08 17.06
CA ASN A 130 2.92 -1.24 16.28
C ASN A 130 3.70 0.05 16.05
N GLU A 131 3.16 1.17 16.53
CA GLU A 131 3.79 2.46 16.28
CA GLU A 131 3.77 2.47 16.30
C GLU A 131 5.22 2.53 16.82
N ASP A 132 5.41 2.12 18.07
CA ASP A 132 6.71 2.26 18.70
C ASP A 132 7.78 1.49 17.98
N ILE A 133 7.51 0.23 17.65
CA ILE A 133 8.56 -0.57 17.03
C ILE A 133 8.89 -0.05 15.62
N LEU A 134 7.86 0.32 14.84
CA LEU A 134 8.07 0.80 13.46
C LEU A 134 8.76 2.16 13.42
N ASN A 135 8.42 3.04 14.36
CA ASN A 135 8.98 4.39 14.33
C ASN A 135 10.40 4.47 14.86
N ASN A 136 10.86 3.42 15.54
CA ASN A 136 12.17 3.45 16.19
C ASN A 136 13.21 2.47 15.65
N ASN A 137 12.91 1.87 14.49
CA ASN A 137 13.79 0.89 13.87
C ASN A 137 13.81 1.07 12.34
N ARG A 138 14.73 0.37 11.68
CA ARG A 138 14.78 0.38 10.22
CA ARG A 138 14.83 0.34 10.22
C ARG A 138 13.77 -0.59 9.65
N ASN A 139 13.04 -0.13 8.63
CA ASN A 139 11.96 -0.95 8.06
C ASN A 139 12.29 -1.43 6.68
N ARG A 140 12.00 -2.71 6.42
CA ARG A 140 12.33 -3.28 5.11
C ARG A 140 11.26 -4.26 4.68
N ILE A 141 11.26 -4.56 3.39
CA ILE A 141 10.45 -5.67 2.86
C ILE A 141 11.40 -6.75 2.33
N VAL A 142 11.13 -8.00 2.70
CA VAL A 142 11.80 -9.15 2.10
C VAL A 142 10.82 -9.71 1.09
N LEU A 143 11.18 -9.62 -0.18
CA LEU A 143 10.28 -10.01 -1.25
C LEU A 143 10.21 -11.53 -1.41
N ALA A 144 9.25 -11.99 -2.22
CA ALA A 144 9.10 -13.41 -2.52
C ALA A 144 10.37 -14.01 -3.12
N ASP A 145 11.18 -13.23 -3.85
CA ASP A 145 12.45 -13.74 -4.40
C ASP A 145 13.64 -13.65 -3.45
N ASN A 146 13.36 -13.34 -2.18
CA ASN A 146 14.36 -13.15 -1.11
C ASN A 146 15.29 -11.95 -1.27
N THR A 147 14.96 -11.01 -2.16
CA THR A 147 15.74 -9.75 -2.23
C THR A 147 15.02 -8.75 -1.31
N VAL A 148 15.71 -7.68 -0.95
CA VAL A 148 15.25 -6.79 0.11
CA VAL A 148 15.19 -6.78 0.10
C VAL A 148 15.11 -5.34 -0.36
N ILE A 149 14.05 -4.68 0.05
CA ILE A 149 13.90 -3.23 -0.17
C ILE A 149 14.01 -2.54 1.20
N ASN A 150 15.03 -1.69 1.36
CA ASN A 150 15.24 -0.97 2.60
C ASN A 150 14.63 0.40 2.50
N PHE A 151 13.79 0.77 3.48
CA PHE A 151 13.11 2.06 3.42
C PHE A 151 13.73 3.08 4.35
N ASP A 152 13.73 4.34 3.91
CA ASP A 152 14.34 5.43 4.70
C ASP A 152 13.60 5.67 6.02
N ASN A 153 12.31 5.40 6.04
CA ASN A 153 11.50 5.58 7.23
C ASN A 153 10.18 4.80 7.00
N ILE A 154 9.39 4.70 8.05
CA ILE A 154 8.15 3.93 7.96
C ILE A 154 7.12 4.51 6.98
N SER A 155 7.04 5.84 6.89
CA SER A 155 6.07 6.47 5.96
C SER A 155 6.35 6.09 4.52
N GLN A 156 7.64 6.07 4.17
CA GLN A 156 8.05 5.67 2.83
C GLN A 156 7.63 4.22 2.49
N LEU A 157 7.76 3.33 3.46
CA LEU A 157 7.28 1.94 3.32
C LEU A 157 5.75 1.92 3.13
N LYS A 158 5.02 2.65 3.98
CA LYS A 158 3.55 2.65 3.87
C LYS A 158 3.10 3.24 2.53
N GLU A 159 3.79 4.29 2.10
CA GLU A 159 3.47 4.90 0.80
C GLU A 159 3.73 3.92 -0.36
N PHE A 160 4.82 3.16 -0.27
CA PHE A 160 5.17 2.13 -1.27
C PHE A 160 4.07 1.08 -1.35
N LEU A 161 3.57 0.66 -0.19
CA LEU A 161 2.48 -0.33 -0.13
C LEU A 161 1.21 0.18 -0.79
N ARG A 162 0.81 1.40 -0.42
CA ARG A 162 -0.40 2.02 -0.98
CA ARG A 162 -0.40 1.99 -0.98
C ARG A 162 -0.23 2.19 -2.48
N ARG A 163 0.98 2.60 -2.89
CA ARG A 163 1.25 2.76 -4.34
C ARG A 163 1.06 1.43 -5.12
N SER A 164 1.51 0.35 -4.48
CA SER A 164 1.42 -0.99 -5.07
C SER A 164 0.00 -1.48 -5.24
N VAL A 165 -0.89 -1.11 -4.30
CA VAL A 165 -2.31 -1.47 -4.44
CA VAL A 165 -2.31 -1.48 -4.45
C VAL A 165 -3.05 -0.50 -5.36
N ASN A 166 -2.74 0.79 -5.25
CA ASN A 166 -3.50 1.79 -6.02
C ASN A 166 -3.16 1.82 -7.50
N ILE A 167 -1.97 1.33 -7.87
CA ILE A 167 -1.49 1.38 -9.26
C ILE A 167 -2.39 0.54 -10.16
N VAL A 168 -3.14 -0.35 -9.53
CA VAL A 168 -4.05 -1.24 -10.24
C VAL A 168 -5.08 -0.41 -11.00
N CYS A 169 -5.44 0.76 -10.45
CA CYS A 169 -6.42 1.66 -11.08
C CYS A 169 -5.79 2.69 -12.02
N PHE A 170 -4.46 2.72 -12.11
CA PHE A 170 -3.78 3.85 -12.74
C PHE A 170 -4.08 3.94 -14.23
N GLU A 171 -3.87 2.83 -14.95
CA GLU A 171 -4.08 2.90 -16.41
C GLU A 171 -5.54 3.13 -16.76
N MET A 172 -6.45 2.63 -15.91
CA MET A 172 -7.89 2.89 -16.13
C MET A 172 -8.19 4.40 -16.07
N LEU A 173 -7.74 5.05 -15.00
CA LEU A 173 -8.01 6.49 -14.86
C LEU A 173 -7.22 7.31 -15.86
N ARG A 174 -6.01 6.87 -16.20
CA ARG A 174 -5.26 7.53 -17.27
CA ARG A 174 -5.26 7.54 -17.29
C ARG A 174 -6.08 7.49 -18.58
N CYS A 175 -6.65 6.31 -18.88
CA CYS A 175 -7.45 6.16 -20.08
C CYS A 175 -8.59 7.17 -20.10
N ASP A 176 -9.26 7.33 -18.95
CA ASP A 176 -10.46 8.15 -18.85
C ASP A 176 -10.24 9.64 -18.61
N GLU A 177 -9.14 10.01 -18.00
CA GLU A 177 -8.92 11.40 -17.62
C GLU A 177 -7.64 12.01 -18.18
N GLY A 178 -6.81 11.18 -18.81
CA GLY A 178 -5.56 11.66 -19.39
C GLY A 178 -4.42 11.73 -18.39
N LEU A 179 -3.23 12.06 -18.89
CA LEU A 179 -2.05 12.19 -18.04
C LEU A 179 -1.25 13.35 -18.58
N ARG A 180 -1.07 14.38 -17.76
CA ARG A 180 -0.35 15.56 -18.20
C ARG A 180 0.76 15.86 -17.21
N LEU A 181 1.96 16.22 -17.69
CA LEU A 181 3.07 16.47 -16.77
C LEU A 181 3.31 17.94 -16.52
N LYS A 182 2.51 18.78 -17.16
CA LYS A 182 2.61 20.23 -16.97
C LYS A 182 1.24 20.80 -16.67
N ILE A 183 1.19 21.88 -15.89
CA ILE A 183 -0.11 22.45 -15.50
C ILE A 183 -0.88 22.85 -16.78
N TYR A 184 -2.15 22.47 -16.85
CA TYR A 184 -3.00 22.90 -17.93
C TYR A 184 -4.37 23.35 -17.38
N LYS A 185 -5.21 23.92 -18.23
CA LYS A 185 -6.55 24.29 -17.81
C LYS A 185 -7.55 23.23 -18.24
N ASP A 186 -8.37 22.76 -17.30
CA ASP A 186 -9.45 21.82 -17.66
C ASP A 186 -10.56 22.50 -18.45
N THR A 187 -11.60 21.76 -18.85
CA THR A 187 -12.66 22.35 -19.70
C THR A 187 -13.46 23.44 -19.01
N GLU A 188 -13.31 23.55 -17.70
CA GLU A 188 -13.91 24.65 -16.93
C GLU A 188 -12.95 25.80 -16.66
N GLY A 189 -11.75 25.74 -17.22
CA GLY A 189 -10.78 26.81 -17.05
C GLY A 189 -9.88 26.68 -15.82
N TYR A 190 -9.98 25.55 -15.12
CA TYR A 190 -9.23 25.43 -13.86
C TYR A 190 -7.89 24.69 -13.99
N TYR A 191 -6.87 25.18 -13.29
CA TYR A 191 -5.55 24.60 -13.33
C TYR A 191 -5.52 23.18 -12.77
N THR A 192 -4.97 22.26 -13.58
CA THR A 192 -5.05 20.81 -13.38
C THR A 192 -3.69 20.21 -13.79
N ILE A 193 -3.34 19.03 -13.29
CA ILE A 193 -2.13 18.35 -13.75
C ILE A 193 -2.29 16.87 -13.52
N GLY A 194 -1.37 16.06 -14.05
CA GLY A 194 -1.38 14.62 -13.75
C GLY A 194 -2.61 13.94 -14.34
N ILE A 195 -3.24 13.06 -13.55
CA ILE A 195 -4.45 12.36 -13.96
C ILE A 195 -5.65 13.12 -13.38
N GLY A 196 -6.07 14.16 -14.10
CA GLY A 196 -7.23 14.95 -13.70
C GLY A 196 -7.14 15.56 -12.31
N HIS A 197 -5.93 15.90 -11.85
CA HIS A 197 -5.79 16.42 -10.52
C HIS A 197 -5.97 17.94 -10.53
N LEU A 198 -7.13 18.37 -10.02
CA LEU A 198 -7.46 19.77 -9.90
C LEU A 198 -6.55 20.39 -8.83
N LEU A 199 -5.82 21.45 -9.20
CA LEU A 199 -4.92 22.10 -8.23
C LEU A 199 -5.61 23.17 -7.39
N THR A 200 -6.43 23.98 -8.07
CA THR A 200 -7.14 25.13 -7.48
C THR A 200 -8.20 25.64 -8.47
N LYS A 201 -9.24 26.29 -7.95
CA LYS A 201 -10.15 27.06 -8.80
C LYS A 201 -9.72 28.53 -8.99
N SER A 202 -8.65 28.90 -8.29
CA SER A 202 -8.08 30.25 -8.43
C SER A 202 -7.59 30.50 -9.86
N PRO A 203 -7.82 31.72 -10.41
CA PRO A 203 -7.19 32.07 -11.70
C PRO A 203 -5.69 32.37 -11.58
N SER A 204 -5.14 32.27 -10.37
CA SER A 204 -3.71 32.51 -10.16
C SER A 204 -2.87 31.27 -10.49
N LEU A 205 -2.04 31.35 -11.54
CA LEU A 205 -1.13 30.26 -11.85
C LEU A 205 -0.15 30.04 -10.67
N ASN A 206 0.30 31.13 -10.04
CA ASN A 206 1.15 31.00 -8.85
C ASN A 206 0.48 30.19 -7.73
N ALA A 207 -0.83 30.40 -7.52
CA ALA A 207 -1.56 29.62 -6.53
C ALA A 207 -1.58 28.14 -6.92
N ALA A 208 -1.77 27.86 -8.22
CA ALA A 208 -1.78 26.45 -8.68
C ALA A 208 -0.42 25.81 -8.41
N LYS A 209 0.66 26.54 -8.72
CA LYS A 209 2.02 26.04 -8.47
C LYS A 209 2.27 25.85 -6.99
N SER A 210 1.77 26.76 -6.17
CA SER A 210 1.88 26.59 -4.71
C SER A 210 1.20 25.30 -4.24
N GLU A 211 -0.01 25.06 -4.74
CA GLU A 211 -0.73 23.84 -4.39
C GLU A 211 0.02 22.60 -4.86
N LEU A 212 0.59 22.67 -6.06
CA LEU A 212 1.31 21.54 -6.63
C LEU A 212 2.56 21.25 -5.78
N ASP A 213 3.28 22.30 -5.41
CA ASP A 213 4.52 22.16 -4.64
C ASP A 213 4.23 21.55 -3.29
N LYS A 214 3.08 21.91 -2.71
CA LYS A 214 2.66 21.37 -1.42
C LYS A 214 2.36 19.88 -1.52
N ALA A 215 1.64 19.49 -2.57
CA ALA A 215 1.28 18.08 -2.79
C ALA A 215 2.52 17.22 -3.09
N ILE A 216 3.41 17.71 -3.96
CA ILE A 216 4.60 16.96 -4.34
C ILE A 216 5.71 17.01 -3.28
N GLY A 217 5.83 18.15 -2.58
CA GLY A 217 6.82 18.33 -1.54
C GLY A 217 8.15 18.88 -2.04
N ARG A 218 8.10 19.61 -3.15
CA ARG A 218 9.30 20.30 -3.67
C ARG A 218 8.87 21.44 -4.56
N ASN A 219 9.86 22.25 -4.96
CA ASN A 219 9.69 23.30 -5.95
C ASN A 219 9.66 22.72 -7.37
N THR A 220 8.45 22.53 -7.90
CA THR A 220 8.28 21.88 -9.20
C THR A 220 8.33 22.84 -10.38
N ASN A 221 8.13 24.13 -10.12
CA ASN A 221 7.97 25.09 -11.23
CA ASN A 221 7.84 25.17 -11.15
C ASN A 221 6.82 24.73 -12.20
N GLY A 222 5.87 23.93 -11.75
CA GLY A 222 4.75 23.56 -12.63
C GLY A 222 4.99 22.39 -13.54
N VAL A 223 6.11 21.70 -13.34
CA VAL A 223 6.43 20.48 -14.12
C VAL A 223 6.73 19.31 -13.20
N ILE A 224 6.06 18.19 -13.46
CA ILE A 224 6.28 16.99 -12.64
C ILE A 224 6.78 15.83 -13.52
N THR A 225 7.33 14.80 -12.88
CA THR A 225 7.80 13.63 -13.59
C THR A 225 6.61 12.65 -13.72
N LYS A 226 6.75 11.63 -14.57
CA LYS A 226 5.72 10.61 -14.68
C LYS A 226 5.44 9.97 -13.31
N ASP A 227 6.49 9.66 -12.59
CA ASP A 227 6.28 9.04 -11.27
C ASP A 227 5.59 9.97 -10.29
N GLU A 228 5.79 11.28 -10.43
CA GLU A 228 5.03 12.23 -9.59
C GLU A 228 3.55 12.31 -9.95
N ALA A 229 3.19 12.12 -11.23
CA ALA A 229 1.77 11.95 -11.61
C ALA A 229 1.16 10.77 -10.88
N GLU A 230 1.94 9.71 -10.75
CA GLU A 230 1.54 8.55 -9.98
C GLU A 230 1.42 8.85 -8.49
N LYS A 231 2.30 9.70 -7.99
CA LYS A 231 2.21 10.12 -6.60
C LYS A 231 0.92 10.89 -6.29
N LEU A 232 0.57 11.84 -7.17
CA LEU A 232 -0.67 12.60 -7.02
C LEU A 232 -1.86 11.65 -7.12
N PHE A 233 -1.80 10.74 -8.10
CA PHE A 233 -2.87 9.76 -8.27
C PHE A 233 -3.06 8.95 -6.98
N ASN A 234 -1.95 8.51 -6.38
CA ASN A 234 -1.99 7.70 -5.14
CA ASN A 234 -2.06 7.72 -5.17
C ASN A 234 -2.66 8.51 -4.03
N GLN A 235 -2.29 9.79 -3.93
CA GLN A 235 -2.89 10.70 -2.95
C GLN A 235 -4.40 10.83 -3.18
N ASP A 236 -4.78 10.95 -4.46
CA ASP A 236 -6.20 11.09 -4.80
C ASP A 236 -6.98 9.80 -4.53
N VAL A 237 -6.42 8.66 -4.89
CA VAL A 237 -7.09 7.37 -4.60
C VAL A 237 -7.23 7.21 -3.09
N ASP A 238 -6.14 7.48 -2.34
CA ASP A 238 -6.17 7.37 -0.89
CA ASP A 238 -6.19 7.33 -0.91
C ASP A 238 -7.30 8.19 -0.30
N ALA A 239 -7.42 9.43 -0.77
CA ALA A 239 -8.45 10.35 -0.27
C ALA A 239 -9.85 9.86 -0.59
N ALA A 240 -10.02 9.35 -1.81
CA ALA A 240 -11.31 8.82 -2.25
C ALA A 240 -11.73 7.64 -1.38
N VAL A 241 -10.79 6.74 -1.10
CA VAL A 241 -11.09 5.53 -0.34
C VAL A 241 -11.40 5.93 1.10
N ARG A 242 -10.58 6.81 1.66
CA ARG A 242 -10.85 7.30 3.00
C ARG A 242 -12.27 7.90 3.12
N GLY A 243 -12.68 8.69 2.12
CA GLY A 243 -14.05 9.24 2.10
C GLY A 243 -15.12 8.17 1.94
N ILE A 244 -14.92 7.25 0.98
CA ILE A 244 -15.82 6.11 0.82
C ILE A 244 -16.08 5.38 2.16
N LEU A 245 -15.00 5.12 2.91
CA LEU A 245 -15.13 4.34 4.15
C LEU A 245 -15.83 5.09 5.28
N ARG A 246 -15.87 6.41 5.18
CA ARG A 246 -16.60 7.26 6.13
C ARG A 246 -18.06 7.51 5.73
N ASN A 247 -18.45 7.00 4.57
CA ASN A 247 -19.77 7.27 4.02
C ASN A 247 -20.62 6.01 4.07
N ALA A 248 -21.63 6.05 4.94
CA ALA A 248 -22.49 4.89 5.20
C ALA A 248 -23.19 4.37 3.94
N LYS A 249 -23.28 5.23 2.92
CA LYS A 249 -23.91 4.87 1.65
C LYS A 249 -22.95 4.19 0.70
N LEU A 250 -21.65 4.32 0.95
CA LEU A 250 -20.63 3.76 0.05
C LEU A 250 -19.80 2.62 0.66
N LYS A 251 -19.58 2.65 1.98
CA LYS A 251 -18.73 1.64 2.62
C LYS A 251 -19.17 0.20 2.34
N PRO A 252 -20.47 -0.11 2.52
CA PRO A 252 -20.87 -1.51 2.34
C PRO A 252 -20.60 -2.02 0.92
N VAL A 253 -20.89 -1.21 -0.09
CA VAL A 253 -20.61 -1.67 -1.44
CA VAL A 253 -20.60 -1.59 -1.49
C VAL A 253 -19.09 -1.80 -1.65
N TYR A 254 -18.32 -0.82 -1.22
CA TYR A 254 -16.89 -0.87 -1.37
C TYR A 254 -16.30 -2.12 -0.69
N ASP A 255 -16.73 -2.39 0.54
CA ASP A 255 -16.22 -3.52 1.31
C ASP A 255 -16.48 -4.82 0.55
N SER A 256 -17.61 -4.88 -0.14
CA SER A 256 -18.00 -6.09 -0.84
C SER A 256 -17.27 -6.32 -2.17
N LEU A 257 -16.72 -5.27 -2.79
CA LEU A 257 -16.14 -5.39 -4.15
C LEU A 257 -14.70 -5.94 -4.21
N ASP A 258 -14.41 -6.68 -5.27
CA ASP A 258 -13.03 -7.11 -5.60
C ASP A 258 -12.22 -5.91 -6.10
N ALA A 259 -10.91 -6.09 -6.23
CA ALA A 259 -10.01 -5.00 -6.63
C ALA A 259 -10.38 -4.25 -7.91
N VAL A 260 -10.70 -5.01 -8.96
CA VAL A 260 -10.99 -4.41 -10.27
C VAL A 260 -12.27 -3.61 -10.16
N ARG A 261 -13.32 -4.20 -9.56
CA ARG A 261 -14.56 -3.42 -9.38
C ARG A 261 -14.41 -2.21 -8.46
N ARG A 262 -13.52 -2.30 -7.46
CA ARG A 262 -13.21 -1.12 -6.61
C ARG A 262 -12.65 0.02 -7.44
N CYS A 263 -11.81 -0.30 -8.41
CA CYS A 263 -11.29 0.71 -9.32
C CYS A 263 -12.42 1.39 -10.06
N ALA A 264 -13.46 0.64 -10.47
CA ALA A 264 -14.56 1.26 -11.20
C ALA A 264 -15.36 2.24 -10.29
N LEU A 265 -15.55 1.87 -9.02
CA LEU A 265 -16.19 2.78 -8.07
C LEU A 265 -15.34 4.03 -7.85
N ILE A 266 -14.03 3.83 -7.67
CA ILE A 266 -13.13 4.96 -7.49
C ILE A 266 -13.16 5.87 -8.74
N ASN A 267 -13.27 5.25 -9.93
CA ASN A 267 -13.35 5.99 -11.18
C ASN A 267 -14.57 6.94 -11.13
N MET A 268 -15.74 6.41 -10.73
CA MET A 268 -16.94 7.25 -10.57
C MET A 268 -16.73 8.42 -9.59
N VAL A 269 -16.09 8.17 -8.46
CA VAL A 269 -15.81 9.26 -7.50
C VAL A 269 -14.90 10.31 -8.13
N PHE A 270 -13.84 9.89 -8.83
CA PHE A 270 -12.96 10.85 -9.57
C PHE A 270 -13.79 11.71 -10.52
N GLN A 271 -14.73 11.09 -11.21
CA GLN A 271 -15.51 11.86 -12.18
C GLN A 271 -16.49 12.83 -11.55
N MET A 272 -17.26 12.38 -10.56
CA MET A 272 -18.44 13.15 -10.15
C MET A 272 -18.49 13.49 -8.68
N GLY A 273 -17.46 13.07 -7.95
CA GLY A 273 -17.37 13.34 -6.51
C GLY A 273 -18.16 12.35 -5.67
N GLU A 274 -17.82 12.30 -4.39
CA GLU A 274 -18.40 11.29 -3.51
C GLU A 274 -19.93 11.40 -3.39
N THR A 275 -20.42 12.60 -3.16
CA THR A 275 -21.86 12.80 -2.95
C THR A 275 -22.64 12.33 -4.19
N GLY A 276 -22.10 12.63 -5.37
CA GLY A 276 -22.72 12.22 -6.62
C GLY A 276 -22.83 10.71 -6.70
N VAL A 277 -21.74 10.02 -6.38
CA VAL A 277 -21.76 8.54 -6.49
C VAL A 277 -22.73 7.96 -5.45
N ALA A 278 -22.74 8.54 -4.24
CA ALA A 278 -23.65 8.12 -3.16
C ALA A 278 -25.14 8.21 -3.53
N GLY A 279 -25.47 8.96 -4.58
CA GLY A 279 -26.83 9.08 -5.04
C GLY A 279 -27.36 7.86 -5.79
N PHE A 280 -26.45 6.98 -6.21
CA PHE A 280 -26.87 5.82 -7.04
C PHE A 280 -27.37 4.66 -6.16
N THR A 281 -28.34 4.91 -5.29
CA THR A 281 -28.76 3.92 -4.28
C THR A 281 -29.07 2.52 -4.84
N ASN A 282 -29.90 2.46 -5.87
CA ASN A 282 -30.32 1.18 -6.40
C ASN A 282 -29.18 0.41 -7.08
N SER A 283 -28.41 1.11 -7.92
CA SER A 283 -27.30 0.47 -8.60
C SER A 283 -26.26 0.02 -7.57
N LEU A 284 -26.00 0.82 -6.54
CA LEU A 284 -25.01 0.43 -5.52
C LEU A 284 -25.48 -0.85 -4.80
N ARG A 285 -26.78 -0.90 -4.51
CA ARG A 285 -27.33 -2.08 -3.86
C ARG A 285 -27.15 -3.32 -4.75
N MET A 286 -27.46 -3.19 -6.04
CA MET A 286 -27.25 -4.30 -6.96
C MET A 286 -25.79 -4.76 -6.98
N LEU A 287 -24.84 -3.80 -6.99
CA LEU A 287 -23.41 -4.15 -6.93
C LEU A 287 -23.07 -4.87 -5.64
N GLN A 288 -23.59 -4.37 -4.53
CA GLN A 288 -23.29 -4.99 -3.24
C GLN A 288 -23.76 -6.44 -3.21
N GLN A 289 -24.88 -6.72 -3.89
CA GLN A 289 -25.48 -8.06 -3.93
C GLN A 289 -24.89 -8.89 -5.08
N LYS A 290 -23.89 -8.33 -5.76
CA LYS A 290 -23.20 -9.03 -6.87
C LYS A 290 -24.15 -9.39 -8.03
N ARG A 291 -25.16 -8.55 -8.25
CA ARG A 291 -26.08 -8.74 -9.35
C ARG A 291 -25.50 -7.90 -10.49
N TRP A 292 -24.44 -8.41 -11.12
CA TRP A 292 -23.61 -7.60 -12.03
C TRP A 292 -24.39 -7.15 -13.27
N ASP A 293 -25.12 -8.08 -13.89
CA ASP A 293 -25.89 -7.72 -15.09
C ASP A 293 -26.95 -6.68 -14.77
N GLU A 294 -27.66 -6.86 -13.65
CA GLU A 294 -28.71 -5.92 -13.24
C GLU A 294 -28.14 -4.54 -12.93
N ALA A 295 -27.04 -4.50 -12.17
CA ALA A 295 -26.34 -3.24 -11.90
C ALA A 295 -25.94 -2.52 -13.19
N ALA A 296 -25.36 -3.27 -14.14
CA ALA A 296 -24.89 -2.66 -15.38
C ALA A 296 -26.08 -2.10 -16.14
N VAL A 297 -27.19 -2.86 -16.18
CA VAL A 297 -28.36 -2.37 -16.86
C VAL A 297 -28.89 -1.08 -16.21
N ASN A 298 -28.93 -1.08 -14.88
CA ASN A 298 -29.45 0.08 -14.17
C ASN A 298 -28.55 1.32 -14.29
N LEU A 299 -27.23 1.13 -14.24
CA LEU A 299 -26.31 2.26 -14.36
C LEU A 299 -26.45 2.95 -15.70
N ALA A 300 -26.80 2.20 -16.74
CA ALA A 300 -26.91 2.78 -18.07
C ALA A 300 -28.18 3.66 -18.25
N LYS A 301 -29.05 3.66 -17.26
CA LYS A 301 -30.30 4.44 -17.34
C LYS A 301 -30.16 5.78 -16.66
N SER A 302 -28.94 6.09 -16.21
CA SER A 302 -28.68 7.30 -15.41
C SER A 302 -28.31 8.52 -16.25
N ARG A 303 -28.44 9.70 -15.64
CA ARG A 303 -27.98 10.93 -16.26
C ARG A 303 -26.45 10.89 -16.52
N TRP A 304 -25.72 10.27 -15.60
CA TRP A 304 -24.27 10.05 -15.79
C TRP A 304 -24.02 9.40 -17.14
N TYR A 305 -24.71 8.29 -17.41
CA TYR A 305 -24.51 7.59 -18.66
C TYR A 305 -24.87 8.50 -19.83
N ASN A 306 -25.96 9.24 -19.71
CA ASN A 306 -26.40 10.12 -20.78
C ASN A 306 -25.40 11.21 -21.11
N GLN A 307 -24.75 11.75 -20.07
CA GLN A 307 -23.77 12.84 -20.25
C GLN A 307 -22.41 12.38 -20.81
N THR A 308 -21.90 11.25 -20.34
CA THR A 308 -20.60 10.73 -20.78
C THR A 308 -20.73 9.24 -21.08
N PRO A 309 -21.44 8.90 -22.15
CA PRO A 309 -21.74 7.48 -22.40
C PRO A 309 -20.50 6.63 -22.72
N ASN A 310 -19.48 7.20 -23.36
CA ASN A 310 -18.32 6.39 -23.73
C ASN A 310 -17.55 5.97 -22.49
N ARG A 311 -17.26 6.92 -21.59
CA ARG A 311 -16.57 6.56 -20.36
C ARG A 311 -17.49 5.69 -19.51
N ALA A 312 -18.76 6.06 -19.41
CA ALA A 312 -19.68 5.25 -18.60
C ALA A 312 -19.75 3.81 -19.10
N LYS A 313 -19.79 3.60 -20.42
CA LYS A 313 -19.81 2.22 -20.98
C LYS A 313 -18.59 1.44 -20.51
N ARG A 314 -17.43 2.08 -20.47
CA ARG A 314 -16.21 1.41 -20.05
C ARG A 314 -16.27 1.05 -18.57
N VAL A 315 -16.70 1.99 -17.73
CA VAL A 315 -16.81 1.75 -16.29
C VAL A 315 -17.84 0.65 -16.03
N ILE A 316 -18.96 0.72 -16.74
CA ILE A 316 -20.03 -0.28 -16.55
C ILE A 316 -19.57 -1.69 -16.93
N THR A 317 -18.85 -1.82 -18.03
CA THR A 317 -18.29 -3.11 -18.43
C THR A 317 -17.38 -3.64 -17.33
N THR A 318 -16.59 -2.74 -16.73
CA THR A 318 -15.74 -3.12 -15.60
C THR A 318 -16.57 -3.63 -14.40
N PHE A 319 -17.65 -2.93 -14.05
CA PHE A 319 -18.55 -3.51 -13.01
C PHE A 319 -19.22 -4.80 -13.45
N ARG A 320 -19.65 -4.88 -14.71
CA ARG A 320 -20.35 -6.10 -15.14
C ARG A 320 -19.46 -7.37 -15.09
N THR A 321 -18.21 -7.23 -15.55
CA THR A 321 -17.35 -8.39 -15.84
C THR A 321 -16.25 -8.60 -14.79
N GLY A 322 -15.90 -7.55 -14.06
CA GLY A 322 -14.74 -7.60 -13.17
C GLY A 322 -13.43 -7.78 -13.91
N THR A 323 -13.41 -7.42 -15.20
CA THR A 323 -12.20 -7.52 -16.02
C THR A 323 -11.84 -6.16 -16.58
N TRP A 324 -10.63 -6.08 -17.16
CA TRP A 324 -10.17 -4.89 -17.86
C TRP A 324 -10.49 -4.86 -19.35
N ASP A 325 -11.50 -5.62 -19.77
CA ASP A 325 -11.82 -5.74 -21.19
C ASP A 325 -12.05 -4.41 -21.89
N ALA A 326 -12.67 -3.46 -21.20
CA ALA A 326 -13.02 -2.17 -21.82
C ALA A 326 -11.82 -1.23 -21.96
N TYR A 327 -10.72 -1.59 -21.30
CA TYR A 327 -9.50 -0.77 -21.22
C TYR A 327 -8.28 -1.37 -21.87
N LYS A 328 -8.46 -2.54 -22.50
CA LYS A 328 -7.39 -3.15 -23.28
C LYS A 328 -7.06 -2.19 -24.43
N ASN A 329 -5.79 -2.03 -24.70
CA ASN A 329 -5.34 -1.15 -25.82
C ASN A 329 -5.79 0.30 -25.79
N CYS A 330 -6.18 0.81 -24.61
CA CYS A 330 -6.63 2.21 -24.55
C CYS A 330 -5.52 3.20 -24.94
S SO4 B . -17.68 10.60 -23.38
O1 SO4 B . -16.90 10.54 -24.64
O2 SO4 B . -17.11 9.77 -22.34
O3 SO4 B . -17.70 11.97 -22.91
O4 SO4 B . -19.04 10.15 -23.69
NA NA C . -1.62 -13.75 4.50
NA NA D . -6.98 -14.36 4.00
NA NA E . -2.56 -16.65 2.92
NA NA F . -29.17 4.09 -8.96
#